data_3Q76
#
_entry.id   3Q76
#
_cell.length_a   123.224
_cell.length_b   123.224
_cell.length_c   68.822
_cell.angle_alpha   90.00
_cell.angle_beta   90.00
_cell.angle_gamma   90.00
#
_symmetry.space_group_name_H-M   'P 41 21 2'
#
loop_
_entity.id
_entity.type
_entity.pdbx_description
1 polymer 'Neutrophil elastase'
2 branched 2-acetamido-2-deoxy-beta-D-glucopyranose-(1-4)-[alpha-L-fucopyranose-(1-6)]2-acetamido-2-deoxy-beta-D-glucopyranose
3 non-polymer 2-acetamido-2-deoxy-beta-D-glucopyranose
4 non-polymer 'SULFATE ION'
5 water water
#
_entity_poly.entity_id   1
_entity_poly.type   'polypeptide(L)'
_entity_poly.pdbx_seq_one_letter_code
;IVGGRRARPHAWPFMVSLQLRGGHFCGATLIAPNFVMSAAHCVANVNVRAVRVVLGAHNLSRREPTRQVFAVQRIFENGY
DPVNLLNDIVILQLNGSATINANVQVAQLPAQGRRLGNGVQCLAMGWGLLGRNRGIASVLQELNVTVVTSLCRRSNVCTL
VRGRQAGVCFGDSGSPLVCNGLIHGIASFVRGGCASGLYPDAFAPVAQFVNWIDSIIQ
;
_entity_poly.pdbx_strand_id   A,B
#
# COMPACT_ATOMS: atom_id res chain seq x y z
N ILE A 1 -1.56 -24.69 -6.39
CA ILE A 1 -1.74 -25.13 -7.78
C ILE A 1 -2.49 -26.45 -7.75
N VAL A 2 -3.64 -26.49 -8.43
CA VAL A 2 -4.46 -27.70 -8.49
C VAL A 2 -4.20 -28.40 -9.82
N GLY A 3 -3.81 -29.68 -9.77
CA GLY A 3 -3.67 -30.44 -10.99
C GLY A 3 -2.37 -30.23 -11.74
N GLY A 4 -1.38 -29.65 -11.06
CA GLY A 4 -0.07 -29.44 -11.66
C GLY A 4 0.90 -30.55 -11.25
N ARG A 5 2.19 -30.25 -11.24
CA ARG A 5 3.22 -31.23 -10.92
C ARG A 5 4.33 -30.52 -10.15
N ARG A 6 5.13 -31.29 -9.43
CA ARG A 6 6.30 -30.72 -8.78
C ARG A 6 7.22 -30.08 -9.80
N ALA A 7 7.68 -28.88 -9.49
CA ALA A 7 8.77 -28.26 -10.24
C ALA A 7 10.05 -29.00 -9.89
N ARG A 8 11.00 -29.05 -10.81
CA ARG A 8 12.33 -29.53 -10.48
C ARG A 8 12.95 -28.55 -9.51
N PRO A 9 13.74 -29.06 -8.54
CA PRO A 9 14.35 -28.16 -7.54
C PRO A 9 15.04 -26.96 -8.19
N HIS A 10 14.61 -25.75 -7.82
CA HIS A 10 15.26 -24.53 -8.28
C HIS A 10 15.20 -24.31 -9.78
N ALA A 11 14.17 -24.88 -10.41
CA ALA A 11 13.91 -24.66 -11.82
C ALA A 11 13.60 -23.19 -12.10
N TRP A 12 13.00 -22.52 -11.12
CA TRP A 12 12.55 -21.16 -11.30
C TRP A 12 13.14 -20.29 -10.19
N PRO A 13 14.42 -19.90 -10.34
CA PRO A 13 15.20 -19.24 -9.27
C PRO A 13 14.73 -17.81 -8.93
N PHE A 14 13.79 -17.29 -9.72
CA PHE A 14 13.15 -16.01 -9.42
C PHE A 14 11.93 -16.17 -8.49
N MET A 15 11.54 -17.42 -8.25
CA MET A 15 10.33 -17.70 -7.45
C MET A 15 10.56 -17.42 -5.97
N VAL A 16 9.63 -16.68 -5.37
CA VAL A 16 9.78 -16.19 -4.00
C VAL A 16 8.59 -16.62 -3.14
N SER A 17 8.86 -16.96 -1.88
CA SER A 17 7.79 -17.24 -0.91
C SER A 17 7.69 -16.11 0.10
N LEU A 18 6.54 -15.43 0.15
CA LEU A 18 6.27 -14.48 1.21
C LEU A 18 5.73 -15.23 2.42
N GLN A 19 6.30 -14.98 3.58
CA GLN A 19 5.98 -15.78 4.75
C GLN A 19 5.64 -14.93 5.97
N LEU A 20 4.75 -15.46 6.80
CA LEU A 20 4.46 -14.85 8.09
C LEU A 20 4.60 -15.91 9.16
N ARG A 21 5.30 -15.56 10.23
CA ARG A 21 5.59 -16.51 11.31
C ARG A 21 6.17 -17.81 10.77
N GLY A 22 7.02 -17.69 9.75
CA GLY A 22 7.71 -18.84 9.20
C GLY A 22 6.84 -19.71 8.30
N GLY A 23 5.72 -19.17 7.84
CA GLY A 23 4.82 -19.93 6.97
C GLY A 23 4.45 -19.19 5.70
N HIS A 24 4.49 -19.91 4.57
CA HIS A 24 4.13 -19.35 3.26
C HIS A 24 2.68 -18.86 3.25
N PHE A 25 2.42 -17.68 2.68
CA PHE A 25 1.03 -17.23 2.45
C PHE A 25 0.79 -16.68 1.03
N CYS A 26 1.87 -16.34 0.31
CA CYS A 26 1.74 -15.77 -1.03
C CYS A 26 3.05 -15.96 -1.80
N GLY A 27 2.97 -16.02 -3.13
CA GLY A 27 4.18 -16.05 -3.95
C GLY A 27 4.67 -14.63 -4.21
N ALA A 28 5.88 -14.51 -4.75
CA ALA A 28 6.36 -13.25 -5.33
C ALA A 28 7.41 -13.58 -6.39
N THR A 29 7.92 -12.56 -7.06
CA THR A 29 8.95 -12.73 -8.07
C THR A 29 10.10 -11.74 -7.82
N LEU A 30 11.32 -12.25 -7.79
CA LEU A 30 12.51 -11.40 -7.68
C LEU A 30 12.74 -10.68 -9.00
N ILE A 31 12.73 -9.34 -8.97
CA ILE A 31 12.88 -8.58 -10.22
C ILE A 31 14.11 -7.66 -10.21
N ALA A 32 14.81 -7.67 -9.08
CA ALA A 32 16.10 -7.01 -8.92
C ALA A 32 16.67 -7.62 -7.63
N PRO A 33 17.97 -7.43 -7.37
CA PRO A 33 18.53 -8.09 -6.18
C PRO A 33 17.85 -7.59 -4.90
N ASN A 34 17.27 -6.40 -4.94
CA ASN A 34 16.64 -5.83 -3.74
C ASN A 34 15.17 -5.42 -3.94
N PHE A 35 14.52 -6.01 -4.95
CA PHE A 35 13.10 -5.78 -5.17
C PHE A 35 12.40 -7.08 -5.57
N VAL A 36 11.20 -7.31 -5.01
CA VAL A 36 10.31 -8.34 -5.54
C VAL A 36 8.98 -7.68 -5.90
N MET A 37 8.19 -8.37 -6.73
CA MET A 37 6.84 -7.94 -6.99
C MET A 37 5.88 -9.06 -6.65
N SER A 38 4.71 -8.66 -6.16
CA SER A 38 3.69 -9.62 -5.74
C SER A 38 2.32 -9.00 -6.01
N ALA A 39 1.27 -9.63 -5.52
CA ALA A 39 -0.06 -9.07 -5.61
C ALA A 39 -0.30 -8.11 -4.45
N ALA A 40 -0.83 -6.93 -4.74
CA ALA A 40 -1.12 -5.99 -3.68
C ALA A 40 -1.99 -6.61 -2.58
N HIS A 41 -2.93 -7.49 -2.93
CA HIS A 41 -3.85 -7.99 -1.91
C HIS A 41 -3.15 -8.89 -0.91
N CYS A 42 -1.98 -9.42 -1.30
CA CYS A 42 -1.18 -10.24 -0.40
C CYS A 42 -0.67 -9.48 0.82
N VAL A 43 -0.43 -8.18 0.67
CA VAL A 43 0.11 -7.40 1.78
C VAL A 43 -0.89 -6.41 2.39
N ALA A 44 -2.15 -6.56 2.03
CA ALA A 44 -3.19 -5.59 2.38
C ALA A 44 -3.57 -5.55 3.86
N ASN A 45 -3.85 -6.72 4.45
CA ASN A 45 -4.33 -6.71 5.83
C ASN A 45 -3.40 -7.51 6.71
N VAL A 46 -2.11 -7.21 6.60
CA VAL A 46 -1.09 -7.92 7.36
C VAL A 46 -0.05 -6.94 7.88
N ASN A 47 0.66 -7.33 8.92
CA ASN A 47 1.76 -6.52 9.43
C ASN A 47 2.97 -6.68 8.52
N VAL A 48 3.14 -5.77 7.58
CA VAL A 48 4.23 -5.88 6.61
C VAL A 48 5.61 -5.93 7.27
N ARG A 49 5.73 -5.34 8.46
CA ARG A 49 6.99 -5.36 9.20
C ARG A 49 7.40 -6.78 9.60
N ALA A 50 6.41 -7.67 9.65
CA ALA A 50 6.64 -9.05 10.05
C ALA A 50 6.79 -9.99 8.86
N VAL A 51 6.52 -9.48 7.65
CA VAL A 51 6.64 -10.32 6.46
C VAL A 51 8.11 -10.68 6.16
N ARG A 52 8.36 -11.95 5.90
CA ARG A 52 9.69 -12.38 5.47
C ARG A 52 9.65 -12.77 4.00
N VAL A 53 10.67 -12.33 3.27
CA VAL A 53 10.78 -12.59 1.85
C VAL A 53 11.82 -13.69 1.68
N VAL A 54 11.37 -14.87 1.24
CA VAL A 54 12.22 -16.06 1.20
C VAL A 54 12.58 -16.38 -0.25
N LEU A 55 13.87 -16.21 -0.57
CA LEU A 55 14.38 -16.50 -1.91
C LEU A 55 15.03 -17.87 -1.89
N GLY A 56 15.12 -18.51 -3.05
CA GLY A 56 15.86 -19.75 -3.17
C GLY A 56 15.22 -20.98 -2.54
N ALA A 57 13.91 -20.93 -2.28
CA ALA A 57 13.24 -22.04 -1.64
C ALA A 57 12.70 -23.07 -2.65
N HIS A 58 12.48 -24.29 -2.17
CA HIS A 58 11.85 -25.32 -2.99
C HIS A 58 10.83 -26.11 -2.21
N ASN A 59 11.26 -26.68 -1.10
CA ASN A 59 10.41 -27.49 -0.23
C ASN A 59 10.17 -26.77 1.10
N LEU A 60 8.94 -26.31 1.30
CA LEU A 60 8.55 -25.55 2.48
C LEU A 60 8.68 -26.35 3.77
N SER A 61 8.71 -27.67 3.65
CA SER A 61 8.79 -28.55 4.81
C SER A 61 10.22 -28.77 5.26
N ARG A 62 11.17 -28.32 4.45
CA ARG A 62 12.57 -28.55 4.75
C ARG A 62 13.32 -27.31 5.17
N ARG A 63 14.41 -27.53 5.90
CA ARG A 63 15.39 -26.48 6.11
C ARG A 63 16.28 -26.49 4.88
N GLU A 64 16.44 -25.35 4.25
CA GLU A 64 17.14 -25.27 2.98
C GLU A 64 18.19 -24.19 3.03
N PRO A 65 19.47 -24.60 3.07
CA PRO A 65 20.62 -23.69 3.03
C PRO A 65 20.66 -22.78 1.82
N THR A 66 20.04 -23.19 0.72
CA THR A 66 19.96 -22.36 -0.49
C THR A 66 19.15 -21.07 -0.28
N ARG A 67 18.42 -21.00 0.83
CA ARG A 67 17.50 -19.89 1.07
C ARG A 67 18.21 -18.62 1.51
N GLN A 68 17.69 -17.48 1.07
CA GLN A 68 18.12 -16.18 1.54
C GLN A 68 16.86 -15.46 1.98
N VAL A 69 16.89 -14.87 3.17
CA VAL A 69 15.69 -14.29 3.74
C VAL A 69 15.85 -12.79 3.96
N PHE A 70 14.90 -12.01 3.45
CA PHE A 70 14.91 -10.57 3.63
C PHE A 70 13.63 -10.05 4.26
N ALA A 71 13.64 -8.77 4.61
CA ALA A 71 12.46 -8.08 5.11
C ALA A 71 12.07 -6.99 4.12
N VAL A 72 10.85 -6.47 4.27
CA VAL A 72 10.35 -5.39 3.43
C VAL A 72 10.84 -4.02 3.89
N GLN A 73 11.47 -3.29 2.99
CA GLN A 73 11.98 -1.96 3.29
C GLN A 73 11.04 -0.86 2.78
N ARG A 74 10.53 -1.02 1.56
CA ARG A 74 9.67 -0.01 0.94
C ARG A 74 8.54 -0.65 0.12
N ILE A 75 7.42 0.05 0.02
CA ILE A 75 6.22 -0.48 -0.63
C ILE A 75 5.76 0.47 -1.73
N PHE A 76 5.47 -0.05 -2.92
CA PHE A 76 4.95 0.77 -4.01
C PHE A 76 3.64 0.16 -4.57
N GLU A 77 2.57 0.95 -4.63
CA GLU A 77 1.33 0.52 -5.26
C GLU A 77 0.81 1.62 -6.17
N ASN A 78 0.19 1.25 -7.29
CA ASN A 78 -0.31 2.25 -8.23
C ASN A 78 -1.76 2.01 -8.61
N GLY A 79 -2.65 2.50 -7.76
CA GLY A 79 -4.07 2.46 -8.02
C GLY A 79 -4.72 1.13 -7.72
N TYR A 80 -4.16 0.40 -6.75
CA TYR A 80 -4.73 -0.89 -6.34
C TYR A 80 -6.17 -0.71 -5.86
N ASP A 81 -7.12 -1.41 -6.49
CA ASP A 81 -8.52 -1.34 -6.12
C ASP A 81 -8.88 -2.63 -5.37
N PRO A 82 -9.03 -2.55 -4.03
CA PRO A 82 -9.21 -3.78 -3.26
C PRO A 82 -10.58 -4.42 -3.44
N VAL A 83 -11.55 -3.66 -3.95
CA VAL A 83 -12.90 -4.20 -4.12
C VAL A 83 -13.06 -4.96 -5.42
N ASN A 84 -12.55 -4.38 -6.50
CA ASN A 84 -12.61 -5.01 -7.81
C ASN A 84 -11.33 -5.79 -8.18
N LEU A 85 -10.36 -5.78 -7.27
CA LEU A 85 -9.06 -6.35 -7.58
C LEU A 85 -8.53 -5.82 -8.90
N LEU A 86 -8.41 -4.49 -9.00
CA LEU A 86 -7.79 -3.87 -10.15
C LEU A 86 -6.40 -3.40 -9.74
N ASN A 87 -5.45 -3.50 -10.67
CA ASN A 87 -4.06 -3.11 -10.39
C ASN A 87 -3.57 -3.82 -9.13
N ASP A 88 -3.79 -5.12 -9.09
CA ASP A 88 -3.43 -5.95 -7.94
C ASP A 88 -1.94 -6.30 -8.05
N ILE A 89 -1.09 -5.29 -7.89
CA ILE A 89 0.36 -5.46 -7.97
C ILE A 89 1.01 -4.58 -6.92
N VAL A 90 2.05 -5.12 -6.27
CA VAL A 90 2.83 -4.33 -5.33
C VAL A 90 4.30 -4.57 -5.61
N ILE A 91 5.11 -3.52 -5.51
CA ILE A 91 6.56 -3.69 -5.56
C ILE A 91 7.10 -3.51 -4.16
N LEU A 92 7.92 -4.46 -3.72
CA LEU A 92 8.44 -4.46 -2.36
C LEU A 92 9.96 -4.40 -2.47
N GLN A 93 10.53 -3.29 -2.02
CA GLN A 93 11.97 -3.21 -1.90
C GLN A 93 12.37 -4.00 -0.66
N LEU A 94 13.49 -4.73 -0.77
CA LEU A 94 13.98 -5.55 0.33
C LEU A 94 14.98 -4.75 1.17
N ASN A 95 15.23 -5.22 2.39
CA ASN A 95 16.15 -4.54 3.30
C ASN A 95 17.62 -4.82 2.99
N GLY A 96 17.87 -5.43 1.84
CA GLY A 96 19.22 -5.76 1.42
C GLY A 96 19.16 -6.33 0.02
N SER A 97 20.31 -6.69 -0.53
CA SER A 97 20.40 -7.27 -1.88
C SER A 97 20.73 -8.75 -1.86
N ALA A 98 19.95 -9.52 -2.61
CA ALA A 98 20.19 -10.94 -2.72
C ALA A 98 21.59 -11.22 -3.31
N THR A 99 22.17 -12.34 -2.93
CA THR A 99 23.34 -12.86 -3.63
C THR A 99 22.84 -13.66 -4.81
N ILE A 100 23.18 -13.23 -6.02
CA ILE A 100 22.70 -13.86 -7.22
C ILE A 100 23.54 -15.10 -7.50
N ASN A 101 22.87 -16.22 -7.71
CA ASN A 101 23.55 -17.50 -7.90
C ASN A 101 22.62 -18.48 -8.58
N ALA A 102 22.99 -19.75 -8.61
CA ALA A 102 22.18 -20.74 -9.33
C ALA A 102 20.72 -20.72 -8.86
N ASN A 103 20.52 -20.58 -7.55
CA ASN A 103 19.20 -20.78 -6.97
C ASN A 103 18.42 -19.50 -6.74
N VAL A 104 19.08 -18.37 -6.97
CA VAL A 104 18.48 -17.06 -6.75
C VAL A 104 18.84 -16.13 -7.90
N GLN A 105 17.88 -15.90 -8.80
CA GLN A 105 18.12 -15.11 -10.00
C GLN A 105 16.95 -14.17 -10.24
N VAL A 106 17.19 -13.05 -10.94
CA VAL A 106 16.13 -12.11 -11.21
C VAL A 106 15.34 -12.60 -12.42
N ALA A 107 14.05 -12.27 -12.45
CA ALA A 107 13.22 -12.67 -13.59
C ALA A 107 13.38 -11.69 -14.74
N GLN A 108 12.97 -12.10 -15.93
CA GLN A 108 12.99 -11.23 -17.09
C GLN A 108 11.57 -10.75 -17.39
N LEU A 109 11.41 -9.48 -17.74
CA LEU A 109 10.09 -8.90 -17.92
C LEU A 109 9.84 -8.51 -19.37
N PRO A 110 8.55 -8.42 -19.76
CA PRO A 110 8.14 -7.99 -21.10
C PRO A 110 8.27 -6.48 -21.30
N ALA A 111 8.14 -6.04 -22.56
CA ALA A 111 8.08 -4.63 -22.88
C ALA A 111 6.76 -4.06 -22.41
N GLN A 112 6.78 -2.78 -22.03
CA GLN A 112 5.56 -2.06 -21.69
C GLN A 112 4.51 -2.27 -22.78
N GLY A 113 3.27 -2.50 -22.36
CA GLY A 113 2.17 -2.64 -23.29
C GLY A 113 2.08 -3.91 -24.11
N ARG A 114 3.05 -4.81 -23.95
CA ARG A 114 3.07 -6.06 -24.70
C ARG A 114 1.84 -6.91 -24.39
N ARG A 115 1.12 -7.32 -25.44
CA ARG A 115 -0.13 -8.06 -25.28
C ARG A 115 0.00 -9.49 -25.79
N LEU A 116 -0.36 -10.46 -24.95
CA LEU A 116 -0.42 -11.84 -25.38
C LEU A 116 -1.84 -12.10 -25.81
N GLY A 117 -1.99 -12.64 -27.02
CA GLY A 117 -3.32 -12.84 -27.55
C GLY A 117 -3.93 -14.09 -26.98
N ASN A 118 -5.25 -14.17 -27.06
CA ASN A 118 -5.91 -15.42 -26.78
C ASN A 118 -5.07 -16.56 -27.33
N GLY A 119 -4.91 -17.63 -26.53
CA GLY A 119 -4.31 -18.86 -27.02
C GLY A 119 -2.85 -19.17 -26.73
N VAL A 120 -2.11 -18.22 -26.18
CA VAL A 120 -0.68 -18.41 -25.91
C VAL A 120 -0.43 -19.36 -24.72
N GLN A 121 0.65 -20.12 -24.80
CA GLN A 121 0.97 -21.14 -23.80
C GLN A 121 1.92 -20.62 -22.74
N CYS A 122 1.53 -20.73 -21.49
CA CYS A 122 2.37 -20.28 -20.38
C CYS A 122 2.54 -21.34 -19.30
N LEU A 123 3.18 -20.94 -18.22
CA LEU A 123 3.42 -21.81 -17.09
C LEU A 123 3.11 -21.05 -15.81
N ALA A 124 2.16 -21.55 -15.03
CA ALA A 124 1.85 -20.98 -13.72
C ALA A 124 2.62 -21.75 -12.64
N MET A 125 2.75 -21.16 -11.46
CA MET A 125 3.48 -21.85 -10.42
C MET A 125 3.12 -21.31 -9.04
N GLY A 126 3.41 -22.09 -8.01
CA GLY A 126 3.17 -21.62 -6.65
C GLY A 126 3.10 -22.73 -5.63
N TRP A 127 3.03 -22.33 -4.36
CA TRP A 127 2.95 -23.25 -3.24
C TRP A 127 1.54 -23.29 -2.64
N GLY A 128 0.56 -22.77 -3.37
CA GLY A 128 -0.80 -22.71 -2.88
C GLY A 128 -1.51 -24.06 -2.82
N LEU A 129 -2.79 -24.01 -2.47
CA LEU A 129 -3.58 -25.22 -2.24
C LEU A 129 -3.52 -26.16 -3.43
N LEU A 130 -3.37 -27.45 -3.12
CA LEU A 130 -3.31 -28.49 -4.15
C LEU A 130 -4.72 -28.87 -4.54
N GLY A 131 -5.70 -28.37 -3.79
CA GLY A 131 -7.09 -28.67 -4.07
C GLY A 131 -7.95 -28.49 -2.85
N ARG A 132 -9.26 -28.65 -3.00
CA ARG A 132 -10.18 -28.49 -1.87
C ARG A 132 -9.81 -29.45 -0.75
N ASN A 133 -9.53 -28.91 0.44
CA ASN A 133 -9.16 -29.73 1.59
C ASN A 133 -7.86 -30.50 1.42
N ARG A 134 -6.96 -30.01 0.57
CA ARG A 134 -5.67 -30.67 0.41
C ARG A 134 -4.49 -29.88 0.98
N GLY A 135 -4.74 -28.67 1.43
CA GLY A 135 -3.68 -27.84 2.01
C GLY A 135 -2.65 -27.30 1.02
N ILE A 136 -1.81 -26.39 1.49
CA ILE A 136 -0.78 -25.84 0.61
C ILE A 136 0.28 -26.88 0.27
N ALA A 137 0.94 -26.70 -0.86
CA ALA A 137 1.94 -27.64 -1.34
C ALA A 137 3.26 -27.47 -0.58
N SER A 138 3.88 -28.58 -0.20
CA SER A 138 5.25 -28.55 0.33
C SER A 138 6.22 -28.16 -0.77
N VAL A 139 6.15 -28.87 -1.89
CA VAL A 139 7.08 -28.67 -2.99
C VAL A 139 6.47 -27.74 -4.03
N LEU A 140 7.25 -26.75 -4.48
CA LEU A 140 6.80 -25.82 -5.51
C LEU A 140 6.13 -26.59 -6.63
N GLN A 141 4.94 -26.15 -7.03
CA GLN A 141 4.20 -26.77 -8.12
C GLN A 141 4.24 -25.89 -9.38
N GLU A 142 4.15 -26.51 -10.55
CA GLU A 142 4.00 -25.77 -11.80
C GLU A 142 2.91 -26.39 -12.66
N LEU A 143 2.39 -25.61 -13.60
CA LEU A 143 1.20 -25.99 -14.35
C LEU A 143 1.18 -25.33 -15.72
N ASN A 144 1.05 -26.14 -16.78
CA ASN A 144 0.88 -25.61 -18.13
C ASN A 144 -0.51 -25.00 -18.29
N VAL A 145 -0.59 -23.73 -18.66
CA VAL A 145 -1.88 -23.06 -18.84
C VAL A 145 -1.91 -22.32 -20.19
N THR A 146 -3.10 -21.90 -20.58
CA THR A 146 -3.31 -21.22 -21.85
C THR A 146 -3.89 -19.83 -21.65
N VAL A 147 -3.23 -18.82 -22.19
CA VAL A 147 -3.78 -17.48 -22.14
C VAL A 147 -5.08 -17.46 -22.92
N VAL A 148 -6.11 -16.85 -22.34
CA VAL A 148 -7.40 -16.73 -23.01
C VAL A 148 -8.01 -15.35 -22.77
N THR A 149 -8.83 -14.92 -23.72
CA THR A 149 -9.51 -13.63 -23.60
C THR A 149 -10.98 -13.83 -23.31
N SER A 150 -11.45 -15.07 -23.45
CA SER A 150 -12.84 -15.40 -23.13
C SER A 150 -13.02 -15.31 -21.63
N LEU A 151 -14.09 -14.66 -21.20
CA LEU A 151 -14.41 -14.55 -19.78
C LEU A 151 -13.33 -13.80 -19.02
N CYS A 152 -12.71 -12.85 -19.70
CA CYS A 152 -11.65 -12.06 -19.12
C CYS A 152 -12.01 -10.59 -19.24
N ARG A 153 -11.16 -9.72 -18.68
CA ARG A 153 -11.32 -8.28 -18.86
C ARG A 153 -9.98 -7.69 -19.25
N ARG A 154 -10.00 -6.49 -19.81
CA ARG A 154 -8.77 -5.86 -20.32
C ARG A 154 -7.71 -5.68 -19.24
N SER A 155 -8.16 -5.54 -17.99
CA SER A 155 -7.27 -5.24 -16.86
C SER A 155 -6.65 -6.50 -16.22
N ASN A 156 -6.83 -7.64 -16.87
CA ASN A 156 -6.22 -8.90 -16.40
C ASN A 156 -5.62 -9.66 -17.56
N VAL A 157 -4.62 -10.46 -17.24
CA VAL A 157 -4.24 -11.55 -18.14
C VAL A 157 -4.99 -12.77 -17.58
N CYS A 158 -5.72 -13.48 -18.43
CA CYS A 158 -6.48 -14.65 -17.94
C CYS A 158 -5.92 -15.94 -18.53
N THR A 159 -5.97 -17.01 -17.74
CA THR A 159 -5.49 -18.31 -18.23
C THR A 159 -6.46 -19.42 -17.89
N LEU A 160 -6.40 -20.49 -18.67
CA LEU A 160 -7.28 -21.64 -18.47
C LEU A 160 -6.54 -22.92 -18.85
N VAL A 161 -6.72 -23.98 -18.05
CA VAL A 161 -6.27 -25.30 -18.48
C VAL A 161 -7.44 -25.88 -19.25
N ARG A 162 -7.29 -25.99 -20.56
CA ARG A 162 -8.38 -26.47 -21.39
C ARG A 162 -8.51 -27.98 -21.27
N GLY A 163 -9.73 -28.46 -21.10
CA GLY A 163 -10.00 -29.89 -21.15
C GLY A 163 -9.93 -30.65 -19.83
N ARG A 164 -9.52 -30.00 -18.76
CA ARG A 164 -9.53 -30.63 -17.43
C ARG A 164 -9.59 -29.57 -16.34
N GLN A 165 -9.96 -29.97 -15.13
CA GLN A 165 -10.07 -29.03 -14.03
C GLN A 165 -8.74 -28.85 -13.32
N ALA A 166 -8.10 -27.71 -13.54
CA ALA A 166 -6.80 -27.44 -12.95
C ALA A 166 -6.60 -25.94 -13.01
N GLY A 167 -5.79 -25.40 -12.10
CA GLY A 167 -5.54 -23.96 -12.10
C GLY A 167 -4.84 -23.53 -10.82
N VAL A 168 -4.70 -22.22 -10.64
CA VAL A 168 -4.12 -21.73 -9.41
C VAL A 168 -5.15 -21.73 -8.29
N CYS A 169 -4.68 -21.53 -7.06
CA CYS A 169 -5.58 -21.60 -5.91
C CYS A 169 -5.03 -20.76 -4.75
N PHE A 170 -5.70 -20.81 -3.59
CA PHE A 170 -5.34 -19.92 -2.50
C PHE A 170 -3.90 -20.18 -2.04
N GLY A 171 -3.13 -19.11 -1.84
CA GLY A 171 -1.70 -19.24 -1.53
C GLY A 171 -0.85 -19.12 -2.79
N ASP A 172 -1.49 -19.17 -3.96
CA ASP A 172 -0.75 -18.93 -5.20
C ASP A 172 -0.70 -17.46 -5.56
N SER A 173 -1.54 -16.65 -4.94
CA SER A 173 -1.57 -15.24 -5.28
C SER A 173 -0.17 -14.67 -5.12
N GLY A 174 0.21 -13.76 -6.03
CA GLY A 174 1.51 -13.14 -5.97
C GLY A 174 2.56 -13.85 -6.82
N SER A 175 2.26 -15.08 -7.21
CA SER A 175 3.24 -15.89 -7.93
C SER A 175 3.27 -15.50 -9.42
N PRO A 176 4.42 -15.68 -10.07
CA PRO A 176 4.58 -15.33 -11.49
C PRO A 176 3.85 -16.25 -12.45
N LEU A 177 3.39 -15.68 -13.56
CA LEU A 177 2.96 -16.44 -14.71
C LEU A 177 4.05 -16.25 -15.75
N VAL A 178 4.64 -17.34 -16.23
CA VAL A 178 5.75 -17.25 -17.18
C VAL A 178 5.30 -17.61 -18.60
N CYS A 179 5.52 -16.70 -19.54
CA CYS A 179 5.16 -16.92 -20.94
C CYS A 179 6.37 -16.55 -21.79
N ASN A 180 6.91 -17.52 -22.54
CA ASN A 180 8.11 -17.31 -23.33
C ASN A 180 9.30 -16.85 -22.48
N GLY A 181 9.41 -17.41 -21.28
CA GLY A 181 10.48 -17.06 -20.37
C GLY A 181 10.33 -15.71 -19.69
N LEU A 182 9.26 -14.96 -19.99
CA LEU A 182 9.05 -13.65 -19.38
C LEU A 182 7.86 -13.64 -18.42
N ILE A 183 7.93 -12.80 -17.40
CA ILE A 183 6.85 -12.71 -16.42
C ILE A 183 5.74 -11.77 -16.89
N HIS A 184 4.65 -12.36 -17.40
CA HIS A 184 3.55 -11.59 -17.96
C HIS A 184 2.41 -11.43 -16.96
N GLY A 185 2.41 -12.23 -15.90
CA GLY A 185 1.35 -12.15 -14.92
C GLY A 185 1.80 -12.35 -13.48
N ILE A 186 0.97 -11.84 -12.57
CA ILE A 186 1.08 -12.10 -11.14
C ILE A 186 -0.29 -12.64 -10.69
N ALA A 187 -0.33 -13.87 -10.20
CA ALA A 187 -1.60 -14.48 -9.78
C ALA A 187 -2.44 -13.57 -8.88
N SER A 188 -3.70 -13.35 -9.24
CA SER A 188 -4.53 -12.39 -8.51
C SER A 188 -5.78 -13.04 -7.91
N PHE A 189 -6.57 -13.72 -8.74
CA PHE A 189 -7.78 -14.35 -8.23
C PHE A 189 -8.38 -15.45 -9.11
N VAL A 190 -9.14 -16.34 -8.48
CA VAL A 190 -9.93 -17.33 -9.18
C VAL A 190 -11.41 -16.93 -9.10
N ARG A 191 -12.24 -17.62 -9.89
CA ARG A 191 -13.69 -17.42 -9.88
C ARG A 191 -14.34 -18.79 -9.94
N GLY A 192 -15.42 -18.97 -9.19
CA GLY A 192 -16.10 -20.24 -9.11
C GLY A 192 -15.30 -21.28 -8.34
N GLY A 193 -14.49 -20.82 -7.38
CA GLY A 193 -13.56 -21.69 -6.67
C GLY A 193 -12.37 -21.99 -7.55
N CYS A 194 -11.37 -22.69 -7.02
CA CYS A 194 -10.20 -23.05 -7.81
C CYS A 194 -10.54 -24.18 -8.78
N ALA A 195 -9.88 -24.19 -9.93
CA ALA A 195 -10.01 -25.29 -10.88
C ALA A 195 -11.49 -25.60 -11.14
N SER A 196 -12.27 -24.55 -11.37
CA SER A 196 -13.69 -24.71 -11.67
C SER A 196 -13.94 -25.40 -13.01
N GLY A 197 -13.02 -25.20 -13.96
CA GLY A 197 -13.21 -25.62 -15.32
C GLY A 197 -14.26 -24.78 -16.06
N LEU A 198 -14.73 -23.72 -15.39
CA LEU A 198 -15.77 -22.83 -15.93
C LEU A 198 -15.25 -21.41 -16.17
N TYR A 199 -14.41 -20.91 -15.25
CA TYR A 199 -13.83 -19.57 -15.34
C TYR A 199 -12.31 -19.64 -15.38
N PRO A 200 -11.68 -18.77 -16.19
CA PRO A 200 -10.22 -18.77 -16.23
C PRO A 200 -9.65 -18.11 -14.98
N ASP A 201 -8.37 -18.31 -14.72
CA ASP A 201 -7.72 -17.65 -13.61
C ASP A 201 -7.29 -16.25 -14.04
N ALA A 202 -7.21 -15.33 -13.09
CA ALA A 202 -6.89 -13.94 -13.40
C ALA A 202 -5.56 -13.50 -12.81
N PHE A 203 -4.75 -12.84 -13.63
CA PHE A 203 -3.41 -12.39 -13.24
C PHE A 203 -3.33 -10.88 -13.42
N ALA A 204 -2.56 -10.20 -12.55
CA ALA A 204 -2.27 -8.78 -12.80
C ALA A 204 -1.41 -8.73 -14.03
N PRO A 205 -1.72 -7.81 -14.95
CA PRO A 205 -1.05 -7.76 -16.25
C PRO A 205 0.27 -7.02 -16.15
N VAL A 206 1.37 -7.75 -15.96
CA VAL A 206 2.67 -7.11 -15.69
C VAL A 206 3.06 -6.08 -16.74
N ALA A 207 2.85 -6.43 -18.02
CA ALA A 207 3.27 -5.57 -19.13
C ALA A 207 2.65 -4.17 -19.11
N GLN A 208 1.54 -4.00 -18.37
CA GLN A 208 0.90 -2.70 -18.25
C GLN A 208 1.62 -1.85 -17.21
N PHE A 209 2.51 -2.47 -16.46
CA PHE A 209 3.22 -1.79 -15.36
C PHE A 209 4.73 -1.66 -15.54
N VAL A 210 5.23 -1.95 -16.73
CA VAL A 210 6.67 -1.99 -16.94
C VAL A 210 7.38 -0.62 -16.82
N ASN A 211 6.80 0.44 -17.38
CA ASN A 211 7.36 1.78 -17.20
C ASN A 211 7.47 2.12 -15.71
N TRP A 212 6.40 1.84 -14.96
CA TRP A 212 6.34 2.09 -13.53
C TRP A 212 7.39 1.26 -12.78
N ILE A 213 7.49 -0.01 -13.14
CA ILE A 213 8.50 -0.90 -12.57
C ILE A 213 9.90 -0.37 -12.86
N ASP A 214 10.18 -0.07 -14.14
CA ASP A 214 11.44 0.54 -14.55
C ASP A 214 11.80 1.75 -13.67
N SER A 215 10.81 2.54 -13.30
CA SER A 215 11.03 3.78 -12.56
C SER A 215 11.38 3.55 -11.10
N ILE A 216 11.10 2.35 -10.62
CA ILE A 216 11.29 1.99 -9.22
C ILE A 216 12.54 1.14 -8.99
N ILE A 217 12.72 0.09 -9.81
CA ILE A 217 13.73 -0.91 -9.46
C ILE A 217 15.14 -0.53 -9.90
N GLN A 218 15.26 0.62 -10.54
CA GLN A 218 16.55 1.21 -10.87
C GLN A 218 16.74 2.48 -10.05
N ILE B 1 -4.25 15.89 19.36
CA ILE B 1 -3.49 17.14 19.52
C ILE B 1 -3.37 17.49 21.00
N VAL B 2 -2.14 17.60 21.48
CA VAL B 2 -1.87 17.95 22.88
C VAL B 2 -1.59 19.43 23.00
N GLY B 3 -2.34 20.11 23.85
CA GLY B 3 -2.07 21.49 24.20
C GLY B 3 -2.60 22.49 23.16
N GLY B 4 -3.53 22.03 22.32
CA GLY B 4 -4.10 22.91 21.31
C GLY B 4 -5.44 23.48 21.76
N ARG B 5 -6.27 23.86 20.79
CA ARG B 5 -7.59 24.43 21.09
C ARG B 5 -8.60 23.86 20.12
N ARG B 6 -9.88 23.93 20.48
CA ARG B 6 -10.94 23.59 19.54
C ARG B 6 -10.83 24.45 18.29
N ALA B 7 -10.95 23.83 17.13
CA ALA B 7 -11.15 24.58 15.89
C ALA B 7 -12.56 25.16 15.90
N ARG B 8 -12.77 26.25 15.16
CA ARG B 8 -14.13 26.72 14.92
C ARG B 8 -14.79 25.73 13.97
N PRO B 9 -16.11 25.53 14.14
CA PRO B 9 -16.79 24.51 13.33
C PRO B 9 -16.51 24.72 11.83
N HIS B 10 -16.04 23.65 11.19
CA HIS B 10 -15.76 23.64 9.76
C HIS B 10 -14.78 24.73 9.30
N ALA B 11 -13.90 25.15 10.21
CA ALA B 11 -12.86 26.11 9.88
C ALA B 11 -11.94 25.60 8.77
N TRP B 12 -11.80 24.28 8.66
CA TRP B 12 -10.88 23.67 7.70
C TRP B 12 -11.62 22.60 6.92
N PRO B 13 -12.37 23.02 5.87
CA PRO B 13 -13.31 22.15 5.16
C PRO B 13 -12.64 21.01 4.38
N PHE B 14 -11.30 21.00 4.34
CA PHE B 14 -10.54 19.95 3.67
C PHE B 14 -10.17 18.81 4.64
N MET B 15 -10.48 19.01 5.91
CA MET B 15 -10.07 18.08 6.96
C MET B 15 -10.97 16.85 6.97
N VAL B 16 -10.36 15.66 6.99
CA VAL B 16 -11.09 14.41 6.83
C VAL B 16 -10.81 13.45 8.00
N SER B 17 -11.81 12.67 8.38
CA SER B 17 -11.63 11.63 9.40
C SER B 17 -11.72 10.26 8.74
N LEU B 18 -10.71 9.42 8.94
CA LEU B 18 -10.74 8.04 8.46
C LEU B 18 -11.24 7.18 9.60
N GLN B 19 -12.26 6.38 9.34
CA GLN B 19 -12.92 5.64 10.40
C GLN B 19 -13.08 4.16 10.07
N LEU B 20 -13.06 3.34 11.12
CA LEU B 20 -13.32 1.91 11.02
C LEU B 20 -14.30 1.54 12.11
N ARG B 21 -15.37 0.85 11.76
CA ARG B 21 -16.38 0.48 12.74
C ARG B 21 -16.82 1.70 13.53
N GLY B 22 -17.00 2.81 12.83
CA GLY B 22 -17.46 4.06 13.43
C GLY B 22 -16.42 4.80 14.27
N GLY B 23 -15.22 4.26 14.37
CA GLY B 23 -14.19 4.87 15.20
C GLY B 23 -13.06 5.50 14.39
N HIS B 24 -12.79 6.78 14.67
CA HIS B 24 -11.70 7.53 14.04
C HIS B 24 -10.33 6.93 14.35
N PHE B 25 -9.51 6.71 13.33
CA PHE B 25 -8.14 6.21 13.56
C PHE B 25 -7.05 7.10 12.96
N CYS B 26 -7.39 7.88 11.94
CA CYS B 26 -6.41 8.79 11.32
C CYS B 26 -7.13 9.96 10.65
N GLY B 27 -6.38 11.03 10.41
CA GLY B 27 -6.89 12.13 9.63
C GLY B 27 -6.54 11.92 8.17
N ALA B 28 -7.06 12.80 7.32
CA ALA B 28 -6.68 12.85 5.92
C ALA B 28 -7.02 14.25 5.40
N THR B 29 -6.70 14.49 4.13
CA THR B 29 -6.97 15.77 3.48
C THR B 29 -7.63 15.56 2.11
N LEU B 30 -8.69 16.32 1.85
CA LEU B 30 -9.35 16.29 0.54
C LEU B 30 -8.52 17.11 -0.46
N ILE B 31 -8.00 16.47 -1.51
CA ILE B 31 -7.12 17.16 -2.46
C ILE B 31 -7.74 17.18 -3.85
N ALA B 32 -8.92 16.58 -3.96
CA ALA B 32 -9.74 16.63 -5.16
C ALA B 32 -11.12 16.17 -4.74
N PRO B 33 -12.15 16.42 -5.56
CA PRO B 33 -13.48 15.96 -5.15
C PRO B 33 -13.49 14.45 -4.85
N ASN B 34 -12.67 13.69 -5.55
CA ASN B 34 -12.66 12.23 -5.42
C ASN B 34 -11.32 11.62 -4.96
N PHE B 35 -10.51 12.41 -4.26
CA PHE B 35 -9.23 11.92 -3.75
C PHE B 35 -8.93 12.54 -2.38
N VAL B 36 -8.42 11.72 -1.45
CA VAL B 36 -7.81 12.25 -0.24
C VAL B 36 -6.37 11.78 -0.17
N MET B 37 -5.56 12.45 0.64
CA MET B 37 -4.23 11.94 0.93
C MET B 37 -4.11 11.82 2.44
N SER B 38 -3.35 10.82 2.86
CA SER B 38 -3.19 10.53 4.27
C SER B 38 -1.79 9.97 4.47
N ALA B 39 -1.52 9.42 5.66
CA ALA B 39 -0.23 8.77 5.90
C ALA B 39 -0.36 7.30 5.55
N ALA B 40 0.63 6.76 4.84
CA ALA B 40 0.58 5.34 4.44
C ALA B 40 0.37 4.40 5.60
N HIS B 41 1.00 4.70 6.73
CA HIS B 41 0.94 3.79 7.87
C HIS B 41 -0.47 3.69 8.44
N CYS B 42 -1.30 4.69 8.13
CA CYS B 42 -2.71 4.64 8.55
C CYS B 42 -3.48 3.49 7.90
N VAL B 43 -3.13 3.14 6.67
CA VAL B 43 -3.87 2.08 5.98
C VAL B 43 -3.10 0.75 5.95
N ALA B 44 -2.00 0.70 6.67
CA ALA B 44 -1.27 -0.57 6.77
C ALA B 44 -1.98 -1.48 7.77
N ASN B 45 -2.00 -2.78 7.51
CA ASN B 45 -2.57 -3.72 8.47
C ASN B 45 -4.00 -3.38 8.93
N VAL B 46 -4.83 -2.94 8.00
CA VAL B 46 -6.24 -2.73 8.27
C VAL B 46 -7.03 -3.25 7.09
N ASN B 47 -8.31 -3.48 7.28
CA ASN B 47 -9.16 -3.86 6.16
C ASN B 47 -9.59 -2.57 5.46
N VAL B 48 -8.87 -2.20 4.39
CA VAL B 48 -9.15 -0.95 3.69
C VAL B 48 -10.57 -0.91 3.11
N ARG B 49 -11.11 -2.09 2.80
CA ARG B 49 -12.46 -2.17 2.23
C ARG B 49 -13.50 -1.66 3.24
N ALA B 50 -13.16 -1.74 4.52
CA ALA B 50 -14.05 -1.28 5.58
C ALA B 50 -13.79 0.16 6.01
N VAL B 51 -12.75 0.78 5.45
CA VAL B 51 -12.41 2.15 5.85
C VAL B 51 -13.46 3.13 5.34
N ARG B 52 -13.94 3.99 6.24
CA ARG B 52 -14.88 5.03 5.85
C ARG B 52 -14.20 6.39 5.87
N VAL B 53 -14.34 7.11 4.76
CA VAL B 53 -13.71 8.41 4.61
C VAL B 53 -14.77 9.46 4.87
N VAL B 54 -14.65 10.15 6.00
CA VAL B 54 -15.70 11.05 6.45
C VAL B 54 -15.31 12.51 6.24
N LEU B 55 -15.99 13.17 5.31
CA LEU B 55 -15.78 14.58 5.01
C LEU B 55 -16.81 15.41 5.76
N GLY B 56 -16.48 16.67 6.06
CA GLY B 56 -17.45 17.60 6.59
C GLY B 56 -17.79 17.44 8.05
N ALA B 57 -16.91 16.79 8.80
CA ALA B 57 -17.18 16.55 10.21
C ALA B 57 -16.52 17.61 11.10
N HIS B 58 -17.04 17.77 12.31
CA HIS B 58 -16.45 18.67 13.27
C HIS B 58 -16.37 18.01 14.63
N ASN B 59 -17.54 17.61 15.15
CA ASN B 59 -17.62 16.95 16.44
C ASN B 59 -17.96 15.48 16.22
N LEU B 60 -16.95 14.64 16.35
CA LEU B 60 -17.11 13.22 16.04
C LEU B 60 -18.09 12.49 16.96
N SER B 61 -18.39 13.08 18.12
CA SER B 61 -19.31 12.43 19.06
C SER B 61 -20.77 12.71 18.71
N ARG B 62 -20.98 13.53 17.68
CA ARG B 62 -22.34 13.84 17.23
C ARG B 62 -22.62 13.25 15.88
N ARG B 63 -23.88 12.83 15.69
CA ARG B 63 -24.36 12.55 14.36
C ARG B 63 -24.37 13.91 13.68
N GLU B 64 -23.65 14.01 12.56
CA GLU B 64 -23.50 15.28 11.89
C GLU B 64 -23.98 15.19 10.45
N PRO B 65 -25.13 15.81 10.16
CA PRO B 65 -25.76 15.77 8.84
C PRO B 65 -24.85 16.41 7.80
N THR B 66 -23.92 17.24 8.24
CA THR B 66 -22.97 17.88 7.32
C THR B 66 -21.98 16.90 6.69
N ARG B 67 -22.04 15.64 7.11
CA ARG B 67 -21.04 14.67 6.68
C ARG B 67 -21.33 14.02 5.34
N GLN B 68 -20.26 13.75 4.61
CA GLN B 68 -20.34 12.94 3.41
C GLN B 68 -19.35 11.81 3.61
N VAL B 69 -19.82 10.58 3.45
CA VAL B 69 -19.00 9.41 3.72
C VAL B 69 -18.68 8.67 2.43
N PHE B 70 -17.41 8.34 2.22
CA PHE B 70 -17.01 7.59 1.03
C PHE B 70 -16.21 6.34 1.39
N ALA B 71 -16.00 5.50 0.39
CA ALA B 71 -15.19 4.29 0.54
C ALA B 71 -13.94 4.47 -0.30
N VAL B 72 -12.90 3.70 0.02
CA VAL B 72 -11.66 3.73 -0.75
C VAL B 72 -11.79 2.92 -2.04
N GLN B 73 -11.55 3.57 -3.17
CA GLN B 73 -11.65 2.90 -4.47
C GLN B 73 -10.30 2.42 -4.93
N ARG B 74 -9.28 3.28 -4.79
CA ARG B 74 -7.93 2.93 -5.26
C ARG B 74 -6.85 3.47 -4.32
N ILE B 75 -5.73 2.75 -4.26
CA ILE B 75 -4.64 3.08 -3.35
C ILE B 75 -3.33 3.34 -4.11
N PHE B 76 -2.67 4.45 -3.79
CA PHE B 76 -1.38 4.79 -4.40
C PHE B 76 -0.35 5.05 -3.30
N GLU B 77 0.76 4.32 -3.34
CA GLU B 77 1.88 4.59 -2.41
C GLU B 77 3.19 4.57 -3.19
N ASN B 78 4.14 5.40 -2.77
CA ASN B 78 5.42 5.48 -3.48
C ASN B 78 6.62 5.36 -2.56
N GLY B 79 6.96 4.13 -2.18
CA GLY B 79 8.16 3.87 -1.41
C GLY B 79 8.00 4.03 0.09
N TYR B 80 6.76 3.88 0.55
CA TYR B 80 6.47 3.84 1.98
C TYR B 80 7.36 2.80 2.69
N ASP B 81 8.09 3.24 3.70
CA ASP B 81 8.98 2.39 4.47
C ASP B 81 8.32 2.16 5.84
N PRO B 82 7.77 0.95 6.05
CA PRO B 82 6.95 0.76 7.26
C PRO B 82 7.82 0.61 8.49
N VAL B 83 9.14 0.57 8.29
CA VAL B 83 10.10 0.41 9.38
C VAL B 83 10.56 1.76 9.89
N ASN B 84 11.01 2.61 8.97
CA ASN B 84 11.56 3.91 9.29
C ASN B 84 10.52 5.02 9.13
N LEU B 85 9.34 4.66 8.64
CA LEU B 85 8.32 5.66 8.34
C LEU B 85 8.95 6.73 7.47
N LEU B 86 9.49 6.30 6.33
CA LEU B 86 9.87 7.20 5.26
C LEU B 86 8.77 7.19 4.20
N ASN B 87 8.66 8.27 3.42
CA ASN B 87 7.63 8.37 2.39
C ASN B 87 6.27 7.93 2.94
N ASP B 88 5.89 8.48 4.09
CA ASP B 88 4.69 8.06 4.79
C ASP B 88 3.47 8.78 4.24
N ILE B 89 3.14 8.48 2.99
CA ILE B 89 2.06 9.15 2.28
C ILE B 89 1.27 8.17 1.42
N VAL B 90 -0.05 8.31 1.41
CA VAL B 90 -0.89 7.49 0.55
C VAL B 90 -1.97 8.36 -0.09
N ILE B 91 -2.24 8.15 -1.37
CA ILE B 91 -3.36 8.81 -2.03
C ILE B 91 -4.48 7.78 -2.12
N LEU B 92 -5.67 8.17 -1.66
CA LEU B 92 -6.82 7.28 -1.72
C LEU B 92 -7.88 7.88 -2.63
N GLN B 93 -8.09 7.24 -3.78
CA GLN B 93 -9.21 7.59 -4.63
C GLN B 93 -10.48 7.14 -3.93
N LEU B 94 -11.50 7.99 -3.95
CA LEU B 94 -12.80 7.67 -3.34
C LEU B 94 -13.73 7.01 -4.36
N ASN B 95 -14.78 6.37 -3.86
CA ASN B 95 -15.73 5.66 -4.73
C ASN B 95 -16.77 6.57 -5.38
N GLY B 96 -16.55 7.88 -5.25
CA GLY B 96 -17.42 8.86 -5.87
C GLY B 96 -16.81 10.22 -5.58
N SER B 97 -17.50 11.30 -5.96
CA SER B 97 -16.97 12.64 -5.76
C SER B 97 -17.74 13.40 -4.68
N ALA B 98 -17.01 14.11 -3.82
CA ALA B 98 -17.62 14.95 -2.81
C ALA B 98 -18.45 16.06 -3.45
N THR B 99 -19.51 16.46 -2.77
CA THR B 99 -20.25 17.65 -3.15
C THR B 99 -19.58 18.81 -2.45
N ILE B 100 -19.01 19.72 -3.24
CA ILE B 100 -18.30 20.86 -2.71
C ILE B 100 -19.27 21.87 -2.11
N ASN B 101 -19.01 22.25 -0.86
CA ASN B 101 -19.84 23.25 -0.20
C ASN B 101 -19.07 23.97 0.92
N ALA B 102 -19.78 24.71 1.75
CA ALA B 102 -19.15 25.43 2.85
C ALA B 102 -18.26 24.51 3.69
N ASN B 103 -18.77 23.32 4.02
CA ASN B 103 -18.12 22.41 4.95
C ASN B 103 -17.20 21.36 4.33
N VAL B 104 -17.19 21.28 3.01
CA VAL B 104 -16.37 20.32 2.30
C VAL B 104 -15.70 20.99 1.10
N GLN B 105 -14.39 21.18 1.18
CA GLN B 105 -13.64 21.87 0.13
C GLN B 105 -12.28 21.24 -0.09
N VAL B 106 -11.74 21.44 -1.29
CA VAL B 106 -10.46 20.86 -1.68
C VAL B 106 -9.31 21.73 -1.20
N ALA B 107 -8.28 21.10 -0.64
CA ALA B 107 -7.12 21.84 -0.14
C ALA B 107 -6.17 22.21 -1.27
N GLN B 108 -5.31 23.19 -1.03
CA GLN B 108 -4.32 23.59 -2.03
C GLN B 108 -2.95 23.13 -1.58
N LEU B 109 -2.14 22.67 -2.53
CA LEU B 109 -0.81 22.17 -2.23
C LEU B 109 0.28 23.10 -2.76
N PRO B 110 1.48 23.01 -2.17
CA PRO B 110 2.62 23.81 -2.64
C PRO B 110 3.17 23.28 -3.95
N ALA B 111 4.14 23.99 -4.51
CA ALA B 111 4.84 23.54 -5.71
C ALA B 111 5.84 22.44 -5.36
N GLN B 112 6.12 21.57 -6.32
CA GLN B 112 7.13 20.52 -6.18
C GLN B 112 8.46 21.11 -5.71
N GLY B 113 9.05 20.47 -4.69
CA GLY B 113 10.36 20.85 -4.21
C GLY B 113 10.40 22.04 -3.25
N ARG B 114 9.25 22.62 -2.97
CA ARG B 114 9.19 23.74 -2.04
C ARG B 114 9.63 23.32 -0.63
N ARG B 115 10.62 24.02 -0.08
CA ARG B 115 11.14 23.67 1.24
C ARG B 115 11.02 24.81 2.23
N LEU B 116 10.35 24.55 3.34
CA LEU B 116 10.12 25.55 4.36
C LEU B 116 11.34 25.72 5.27
N GLY B 117 11.68 26.96 5.56
CA GLY B 117 12.80 27.27 6.43
C GLY B 117 12.44 27.17 7.89
N ASN B 118 13.47 27.07 8.73
CA ASN B 118 13.29 27.05 10.18
C ASN B 118 12.57 28.31 10.61
N GLY B 119 11.55 28.15 11.45
CA GLY B 119 10.82 29.27 12.01
C GLY B 119 9.47 29.52 11.38
N VAL B 120 9.24 28.98 10.19
CA VAL B 120 7.94 29.17 9.53
C VAL B 120 6.77 28.76 10.44
N GLN B 121 5.75 29.61 10.49
CA GLN B 121 4.59 29.44 11.35
C GLN B 121 3.49 28.62 10.68
N CYS B 122 3.18 27.46 11.25
CA CYS B 122 2.14 26.59 10.69
C CYS B 122 1.04 26.28 11.69
N LEU B 123 0.03 25.56 11.21
CA LEU B 123 -1.07 25.11 12.04
C LEU B 123 -1.23 23.60 11.83
N ALA B 124 -1.11 22.85 12.91
CA ALA B 124 -1.42 21.42 12.89
C ALA B 124 -2.85 21.25 13.38
N MET B 125 -3.44 20.09 13.11
CA MET B 125 -4.80 19.84 13.53
C MET B 125 -5.08 18.33 13.57
N GLY B 126 -6.10 17.93 14.33
CA GLY B 126 -6.49 16.53 14.34
C GLY B 126 -7.49 16.16 15.43
N TRP B 127 -8.00 14.93 15.33
CA TRP B 127 -8.93 14.39 16.30
C TRP B 127 -8.23 13.33 17.19
N GLY B 128 -6.90 13.39 17.30
CA GLY B 128 -6.15 12.44 18.10
C GLY B 128 -6.14 12.77 19.59
N LEU B 129 -5.30 12.05 20.35
CA LEU B 129 -5.27 12.15 21.81
C LEU B 129 -4.94 13.57 22.29
N LEU B 130 -5.58 13.97 23.39
CA LEU B 130 -5.37 15.28 24.00
C LEU B 130 -4.22 15.27 25.00
N GLY B 131 -3.69 14.08 25.29
CA GLY B 131 -2.50 13.96 26.11
C GLY B 131 -2.73 13.30 27.46
N ARG B 132 -1.67 13.26 28.26
CA ARG B 132 -1.67 12.59 29.58
C ARG B 132 -2.94 12.85 30.41
N ASN B 133 -3.69 11.79 30.67
CA ASN B 133 -4.91 11.88 31.48
C ASN B 133 -5.91 12.93 30.98
N ARG B 134 -5.71 13.38 29.75
CA ARG B 134 -6.76 14.01 29.00
C ARG B 134 -7.24 12.90 28.07
N GLY B 135 -8.46 13.01 27.54
CA GLY B 135 -9.02 11.92 26.77
C GLY B 135 -8.62 11.97 25.31
N ILE B 136 -9.56 11.67 24.42
CA ILE B 136 -9.38 11.90 23.01
C ILE B 136 -10.34 13.01 22.61
N ALA B 137 -10.08 13.64 21.46
CA ALA B 137 -10.90 14.77 21.03
C ALA B 137 -12.26 14.31 20.50
N SER B 138 -13.31 15.05 20.86
CA SER B 138 -14.57 14.90 20.15
C SER B 138 -14.58 15.98 19.07
N VAL B 139 -14.25 17.20 19.49
CA VAL B 139 -14.19 18.33 18.56
C VAL B 139 -12.79 18.46 17.96
N LEU B 140 -12.74 18.67 16.64
CA LEU B 140 -11.49 18.90 15.93
C LEU B 140 -10.58 19.90 16.64
N GLN B 141 -9.31 19.55 16.84
CA GLN B 141 -8.36 20.42 17.53
C GLN B 141 -7.37 21.05 16.55
N GLU B 142 -6.89 22.25 16.86
CA GLU B 142 -5.81 22.88 16.08
C GLU B 142 -4.71 23.42 17.01
N LEU B 143 -3.52 23.65 16.45
CA LEU B 143 -2.37 24.00 17.26
C LEU B 143 -1.36 24.79 16.43
N ASN B 144 -0.95 25.96 16.93
CA ASN B 144 0.12 26.70 16.27
C ASN B 144 1.44 26.01 16.53
N VAL B 145 2.22 25.80 15.47
CA VAL B 145 3.52 25.13 15.55
C VAL B 145 4.53 25.84 14.67
N THR B 146 5.82 25.58 14.92
CA THR B 146 6.89 26.19 14.15
C THR B 146 7.72 25.12 13.45
N VAL B 147 8.03 25.35 12.18
CA VAL B 147 8.91 24.45 11.44
C VAL B 147 10.31 24.50 12.04
N VAL B 148 10.95 23.35 12.19
CA VAL B 148 12.31 23.30 12.70
C VAL B 148 13.10 22.31 11.87
N THR B 149 14.40 22.50 11.76
CA THR B 149 15.20 21.58 10.98
C THR B 149 16.14 20.75 11.84
N SER B 150 16.44 21.22 13.05
CA SER B 150 17.24 20.43 13.98
C SER B 150 16.43 19.26 14.51
N LEU B 151 17.09 18.11 14.69
CA LEU B 151 16.43 16.90 15.16
C LEU B 151 15.36 16.45 14.17
N CYS B 152 15.57 16.79 12.91
CA CYS B 152 14.65 16.45 11.84
C CYS B 152 15.41 15.91 10.63
N ARG B 153 14.87 14.87 10.00
CA ARG B 153 15.46 14.33 8.77
C ARG B 153 15.16 15.23 7.60
N ARG B 154 16.05 15.24 6.61
CA ARG B 154 15.83 16.03 5.41
C ARG B 154 14.57 15.53 4.70
N SER B 155 14.23 14.27 4.96
CA SER B 155 13.08 13.61 4.35
C SER B 155 11.77 13.86 5.13
N ASN B 156 11.82 14.73 6.14
CA ASN B 156 10.58 15.17 6.79
C ASN B 156 10.45 16.68 6.78
N VAL B 157 9.22 17.14 6.99
CA VAL B 157 9.03 18.48 7.52
C VAL B 157 8.70 18.25 8.99
N CYS B 158 9.40 18.94 9.88
CA CYS B 158 9.17 18.79 11.31
C CYS B 158 8.69 20.09 11.92
N THR B 159 7.95 19.96 13.02
CA THR B 159 7.51 21.12 13.77
C THR B 159 7.73 20.94 15.26
N LEU B 160 7.83 22.06 15.96
CA LEU B 160 8.01 22.05 17.40
C LEU B 160 7.30 23.25 17.98
N VAL B 161 6.50 23.01 19.02
CA VAL B 161 5.92 24.09 19.79
C VAL B 161 6.95 24.48 20.86
N ARG B 162 7.40 25.74 20.83
CA ARG B 162 8.43 26.17 21.75
C ARG B 162 7.86 26.77 23.03
N GLY B 163 8.54 26.53 24.15
CA GLY B 163 8.20 27.18 25.41
C GLY B 163 7.15 26.47 26.24
N ARG B 164 6.65 25.34 25.73
CA ARG B 164 5.72 24.53 26.49
C ARG B 164 5.65 23.16 25.84
N GLN B 165 4.83 22.28 26.40
CA GLN B 165 4.68 20.94 25.82
C GLN B 165 3.37 20.78 25.07
N ALA B 166 3.48 20.70 23.75
CA ALA B 166 2.32 20.59 22.88
C ALA B 166 2.79 19.94 21.58
N GLY B 167 1.88 19.30 20.87
CA GLY B 167 2.26 18.65 19.63
C GLY B 167 1.19 17.71 19.17
N VAL B 168 1.46 16.99 18.08
CA VAL B 168 0.50 16.02 17.61
C VAL B 168 0.61 14.76 18.46
N CYS B 169 -0.38 13.87 18.37
CA CYS B 169 -0.35 12.64 19.14
C CYS B 169 -1.14 11.57 18.41
N PHE B 170 -1.24 10.38 19.00
CA PHE B 170 -1.84 9.25 18.29
C PHE B 170 -3.28 9.56 17.87
N GLY B 171 -3.62 9.24 16.63
CA GLY B 171 -4.90 9.60 16.08
C GLY B 171 -4.81 10.82 15.17
N ASP B 172 -3.71 11.57 15.30
CA ASP B 172 -3.46 12.73 14.45
C ASP B 172 -2.75 12.38 13.16
N SER B 173 -2.17 11.18 13.08
CA SER B 173 -1.47 10.76 11.86
C SER B 173 -2.39 10.89 10.66
N GLY B 174 -1.81 11.33 9.55
CA GLY B 174 -2.57 11.48 8.32
C GLY B 174 -3.16 12.88 8.16
N SER B 175 -3.21 13.63 9.25
CA SER B 175 -3.83 14.97 9.27
C SER B 175 -2.90 15.99 8.61
N PRO B 176 -3.50 17.05 7.99
CA PRO B 176 -2.68 18.05 7.30
C PRO B 176 -1.93 18.98 8.23
N LEU B 177 -0.78 19.46 7.77
CA LEU B 177 -0.06 20.57 8.39
C LEU B 177 -0.22 21.73 7.42
N VAL B 178 -0.84 22.83 7.86
CA VAL B 178 -1.13 23.96 6.98
C VAL B 178 -0.13 25.10 7.22
N CYS B 179 0.53 25.56 6.15
CA CYS B 179 1.51 26.64 6.23
C CYS B 179 1.24 27.61 5.09
N ASN B 180 1.05 28.88 5.40
CA ASN B 180 0.78 29.86 4.37
C ASN B 180 -0.39 29.42 3.49
N GLY B 181 -1.38 28.77 4.10
CA GLY B 181 -2.58 28.35 3.39
C GLY B 181 -2.48 27.06 2.59
N LEU B 182 -1.29 26.48 2.51
CA LEU B 182 -1.06 25.28 1.72
C LEU B 182 -0.75 24.06 2.61
N ILE B 183 -1.02 22.86 2.10
CA ILE B 183 -0.77 21.65 2.87
C ILE B 183 0.66 21.19 2.62
N HIS B 184 1.55 21.51 3.55
CA HIS B 184 2.97 21.17 3.39
C HIS B 184 3.33 19.86 4.09
N GLY B 185 2.50 19.43 5.03
CA GLY B 185 2.80 18.20 5.75
C GLY B 185 1.61 17.30 5.96
N ILE B 186 1.88 16.01 6.15
CA ILE B 186 0.90 15.02 6.59
C ILE B 186 1.48 14.40 7.85
N ALA B 187 0.74 14.46 8.96
CA ALA B 187 1.29 14.00 10.24
C ALA B 187 1.72 12.54 10.16
N SER B 188 2.96 12.27 10.55
CA SER B 188 3.53 10.93 10.40
C SER B 188 3.88 10.28 11.74
N PHE B 189 4.72 10.92 12.55
CA PHE B 189 5.05 10.31 13.84
C PHE B 189 5.59 11.29 14.87
N VAL B 190 5.45 10.90 16.13
CA VAL B 190 6.15 11.57 17.22
C VAL B 190 7.31 10.66 17.64
N ARG B 191 8.34 11.26 18.22
CA ARG B 191 9.49 10.50 18.72
C ARG B 191 9.37 10.34 20.23
N GLY B 192 9.32 9.10 20.72
CA GLY B 192 9.10 8.84 22.13
C GLY B 192 7.64 9.07 22.44
N GLY B 193 7.34 9.89 23.45
CA GLY B 193 5.96 10.21 23.75
C GLY B 193 5.52 11.43 22.97
N CYS B 194 4.21 11.73 23.02
CA CYS B 194 3.70 12.96 22.44
C CYS B 194 4.13 14.15 23.29
N ALA B 195 4.40 15.28 22.63
CA ALA B 195 4.67 16.52 23.35
C ALA B 195 5.84 16.40 24.33
N SER B 196 6.95 15.84 23.84
CA SER B 196 8.15 15.68 24.66
C SER B 196 8.81 17.03 24.97
N GLY B 197 8.51 18.04 24.15
CA GLY B 197 9.13 19.34 24.32
C GLY B 197 10.55 19.36 23.78
N LEU B 198 11.06 18.21 23.37
CA LEU B 198 12.41 18.14 22.82
C LEU B 198 12.39 17.71 21.36
N TYR B 199 11.71 16.60 21.08
CA TYR B 199 11.75 16.02 19.74
C TYR B 199 10.67 16.63 18.86
N PRO B 200 11.05 17.16 17.69
CA PRO B 200 10.06 17.71 16.77
C PRO B 200 9.13 16.61 16.24
N ASP B 201 7.87 16.96 15.99
CA ASP B 201 6.95 16.05 15.35
C ASP B 201 7.33 15.92 13.88
N ALA B 202 7.21 14.72 13.30
CA ALA B 202 7.57 14.51 11.90
C ALA B 202 6.35 14.39 10.97
N PHE B 203 6.42 15.08 9.84
CA PHE B 203 5.34 15.07 8.85
C PHE B 203 5.92 14.63 7.52
N ALA B 204 5.12 13.93 6.72
CA ALA B 204 5.55 13.63 5.36
C ALA B 204 5.61 14.95 4.62
N PRO B 205 6.69 15.18 3.86
CA PRO B 205 6.90 16.47 3.18
C PRO B 205 6.10 16.52 1.88
N VAL B 206 4.91 17.11 1.91
CA VAL B 206 4.01 17.04 0.76
C VAL B 206 4.63 17.59 -0.52
N ALA B 207 5.37 18.70 -0.38
CA ALA B 207 6.05 19.33 -1.53
C ALA B 207 6.96 18.39 -2.33
N GLN B 208 7.53 17.38 -1.67
CA GLN B 208 8.39 16.42 -2.38
C GLN B 208 7.60 15.47 -3.28
N PHE B 209 6.28 15.41 -3.07
CA PHE B 209 5.45 14.42 -3.73
C PHE B 209 4.45 15.04 -4.70
N VAL B 210 4.61 16.34 -4.98
CA VAL B 210 3.61 17.09 -5.74
C VAL B 210 3.44 16.62 -7.19
N ASN B 211 4.54 16.40 -7.91
CA ASN B 211 4.45 15.89 -9.27
C ASN B 211 3.74 14.53 -9.30
N TRP B 212 4.06 13.69 -8.34
CA TRP B 212 3.43 12.37 -8.23
C TRP B 212 1.94 12.53 -7.97
N ILE B 213 1.59 13.37 -6.99
CA ILE B 213 0.19 13.63 -6.69
C ILE B 213 -0.56 14.11 -7.94
N ASP B 214 0.03 15.08 -8.63
CA ASP B 214 -0.54 15.60 -9.88
C ASP B 214 -0.69 14.54 -10.97
N SER B 215 0.22 13.57 -11.03
CA SER B 215 0.13 12.53 -12.06
C SER B 215 -1.06 11.61 -11.78
N ILE B 216 -1.50 11.61 -10.54
CA ILE B 216 -2.61 10.78 -10.10
C ILE B 216 -3.95 11.51 -10.17
N ILE B 217 -4.05 12.70 -9.58
CA ILE B 217 -5.33 13.38 -9.45
C ILE B 217 -5.67 14.27 -10.64
N GLN B 218 -4.65 14.65 -11.40
CA GLN B 218 -4.86 15.48 -12.58
C GLN B 218 -4.92 14.62 -13.83
#